data_1JCD
#
_entry.id   1JCD
#
_cell.length_a   21.842
_cell.length_b   26.935
_cell.length_c   45.805
_cell.angle_alpha   88.05
_cell.angle_beta   84.95
_cell.angle_gamma   87.56
#
_symmetry.space_group_name_H-M   'P 1'
#
loop_
_entity.id
_entity.type
_entity.pdbx_description
1 polymer 'MAJOR OUTER MEMBRANE LIPOPROTEIN'
2 water water
#
_entity_poly.entity_id   1
_entity_poly.type   'polypeptide(L)'
_entity_poly.pdbx_seq_one_letter_code
;SSNAKADQASSDAQTANAKADQASNDANAARSDAQAAKDDAARANQRADNAA
;
_entity_poly.pdbx_strand_id   A,B,C
#
# COMPACT_ATOMS: atom_id res chain seq x y z
N ASN A 3 2.72 17.34 -32.63
CA ASN A 3 1.57 16.41 -32.59
C ASN A 3 0.86 16.57 -31.24
N ALA A 4 -0.31 17.23 -31.27
CA ALA A 4 -0.94 17.62 -30.02
C ALA A 4 -1.35 16.39 -29.21
N LYS A 5 -1.84 15.35 -29.85
CA LYS A 5 -2.24 14.12 -29.13
C LYS A 5 -1.04 13.46 -28.48
N ALA A 6 0.11 13.42 -29.17
CA ALA A 6 1.30 12.79 -28.59
C ALA A 6 1.76 13.60 -27.40
N ASP A 7 1.70 14.93 -27.51
CA ASP A 7 2.18 15.79 -26.41
C ASP A 7 1.31 15.52 -25.18
N GLN A 8 -0.01 15.42 -25.41
CA GLN A 8 -0.93 15.25 -24.28
C GLN A 8 -0.72 13.88 -23.67
N ALA A 9 -0.44 12.88 -24.47
CA ALA A 9 -0.18 11.51 -23.99
C ALA A 9 1.05 11.53 -23.09
N SER A 10 2.07 12.30 -23.51
CA SER A 10 3.25 12.44 -22.70
C SER A 10 2.94 13.06 -21.35
N SER A 11 2.20 14.15 -21.35
CA SER A 11 1.80 14.80 -20.11
C SER A 11 1.04 13.83 -19.19
N ASP A 12 0.09 13.14 -19.80
CA ASP A 12 -0.74 12.19 -19.01
C ASP A 12 0.12 11.05 -18.47
N ALA A 13 1.13 10.58 -19.24
CA ALA A 13 2.03 9.56 -18.73
C ALA A 13 2.84 10.08 -17.52
N GLN A 14 3.27 11.34 -17.53
CA GLN A 14 3.93 11.91 -16.36
C GLN A 14 2.99 11.98 -15.18
N THR A 15 1.75 12.33 -15.40
CA THR A 15 0.74 12.32 -14.33
C THR A 15 0.64 10.93 -13.70
N ALA A 16 0.58 9.90 -14.53
CA ALA A 16 0.51 8.50 -14.08
C ALA A 16 1.74 8.13 -13.28
N ASN A 17 2.92 8.58 -13.73
CA ASN A 17 4.14 8.30 -12.96
C ASN A 17 4.11 8.95 -11.59
N ALA A 18 3.65 10.19 -11.53
CA ALA A 18 3.61 10.86 -10.23
C ALA A 18 2.69 10.09 -9.29
N LYS A 19 1.54 9.66 -9.76
CA LYS A 19 0.59 8.92 -8.92
C LYS A 19 1.16 7.56 -8.55
N ALA A 20 1.75 6.84 -9.49
CA ALA A 20 2.29 5.52 -9.18
C ALA A 20 3.44 5.62 -8.18
N ASP A 21 4.27 6.68 -8.31
CA ASP A 21 5.38 6.85 -7.35
C ASP A 21 4.82 7.07 -5.94
N GLN A 22 3.79 7.92 -5.85
CA GLN A 22 3.20 8.14 -4.53
C GLN A 22 2.58 6.89 -3.95
N ALA A 23 1.90 6.12 -4.79
CA ALA A 23 1.31 4.86 -4.37
C ALA A 23 2.37 3.91 -3.85
N SER A 24 3.50 3.83 -4.53
CA SER A 24 4.60 2.93 -4.13
C SER A 24 5.16 3.33 -2.80
N ASN A 25 5.32 4.66 -2.63
CA ASN A 25 5.84 5.13 -1.34
C ASN A 25 4.90 4.74 -0.21
N ASP A 26 3.61 5.02 -0.40
CA ASP A 26 2.61 4.73 0.61
C ASP A 26 2.51 3.23 0.88
N ALA A 27 2.55 2.41 -0.13
CA ALA A 27 2.47 0.96 0.05
C ALA A 27 3.67 0.46 0.82
N ASN A 28 4.88 0.99 0.58
CA ASN A 28 6.10 0.59 1.29
C ASN A 28 6.00 0.97 2.76
N ALA A 29 5.47 2.15 3.07
CA ALA A 29 5.24 2.56 4.45
C ALA A 29 4.20 1.67 5.12
N ALA A 30 3.13 1.34 4.40
CA ALA A 30 2.09 0.48 4.95
C ALA A 30 2.68 -0.89 5.28
N ARG A 31 3.53 -1.42 4.40
CA ARG A 31 4.13 -2.73 4.67
C ARG A 31 4.99 -2.63 5.91
N SER A 32 5.79 -1.59 6.04
CA SER A 32 6.66 -1.48 7.20
C SER A 32 5.85 -1.35 8.47
N ASP A 33 4.83 -0.52 8.47
CA ASP A 33 4.00 -0.42 9.66
C ASP A 33 3.27 -1.72 9.99
N ALA A 34 2.80 -2.44 8.98
CA ALA A 34 2.05 -3.68 9.27
C ALA A 34 2.97 -4.71 9.88
N GLN A 35 4.22 -4.75 9.40
CA GLN A 35 5.21 -5.66 9.97
C GLN A 35 5.51 -5.28 11.41
N ALA A 36 5.63 -4.00 11.68
CA ALA A 36 5.82 -3.53 13.06
C ALA A 36 4.66 -3.96 13.94
N ALA A 37 3.44 -3.85 13.43
CA ALA A 37 2.24 -4.24 14.19
C ALA A 37 2.28 -5.74 14.48
N LYS A 38 2.65 -6.58 13.52
CA LYS A 38 2.76 -8.01 13.73
C LYS A 38 3.78 -8.32 14.82
N ASP A 39 4.92 -7.65 14.80
CA ASP A 39 5.96 -7.90 15.81
C ASP A 39 5.45 -7.48 17.18
N ASP A 40 4.79 -6.33 17.29
CA ASP A 40 4.31 -5.85 18.59
C ASP A 40 3.19 -6.72 19.12
N ALA A 41 2.30 -7.20 18.24
CA ALA A 41 1.23 -8.07 18.68
C ALA A 41 1.81 -9.39 19.15
N ALA A 42 2.83 -9.88 18.45
CA ALA A 42 3.49 -11.11 18.93
C ALA A 42 4.08 -10.83 20.30
N ARG A 43 4.67 -9.68 20.53
CA ARG A 43 5.23 -9.39 21.87
C ARG A 43 4.13 -9.48 22.92
N ALA A 44 2.94 -8.98 22.66
CA ALA A 44 1.89 -8.99 23.70
C ALA A 44 1.50 -10.43 23.97
N ASN A 45 1.45 -11.27 22.93
CA ASN A 45 1.05 -12.65 23.16
C ASN A 45 2.16 -13.41 23.87
N GLN A 46 3.41 -13.07 23.62
CA GLN A 46 4.54 -13.74 24.33
C GLN A 46 4.52 -13.40 25.80
N ARG A 47 4.23 -12.16 26.15
CA ARG A 47 4.11 -11.69 27.53
C ARG A 47 3.01 -12.48 28.22
N ALA A 48 1.92 -12.69 27.48
CA ALA A 48 0.83 -13.51 27.99
C ALA A 48 1.19 -14.97 28.20
N ASP A 49 1.89 -15.54 27.21
CA ASP A 49 2.26 -16.94 27.32
C ASP A 49 3.14 -17.20 28.54
N ASN A 50 4.00 -16.22 28.83
CA ASN A 50 5.07 -16.47 29.80
C ASN A 50 4.74 -15.83 31.14
N ALA A 51 3.57 -15.25 31.28
CA ALA A 51 3.15 -14.59 32.50
C ALA A 51 3.08 -15.61 33.64
N ALA A 52 3.31 -15.08 34.82
CA ALA A 52 3.09 -15.81 36.06
C ALA A 52 1.63 -16.13 36.35
N SER B 1 -4.92 8.96 -43.70
CA SER B 1 -4.08 9.44 -42.62
C SER B 1 -4.48 8.73 -41.34
N SER B 2 -3.52 8.76 -40.42
CA SER B 2 -3.63 7.98 -39.19
C SER B 2 -2.78 8.62 -38.11
N ASN B 3 -3.22 8.64 -36.86
CA ASN B 3 -2.40 9.12 -35.77
C ASN B 3 -2.16 7.97 -34.79
N ALA B 4 -1.97 6.75 -35.28
CA ALA B 4 -2.00 5.52 -34.52
C ALA B 4 -1.03 5.48 -33.36
N LYS B 5 0.22 5.88 -33.52
CA LYS B 5 1.15 5.80 -32.39
C LYS B 5 0.73 6.70 -31.25
N ALA B 6 0.28 7.88 -31.58
CA ALA B 6 -0.18 8.82 -30.56
C ALA B 6 -1.48 8.34 -29.91
N ASP B 7 -2.37 7.74 -30.68
CA ASP B 7 -3.61 7.21 -30.12
C ASP B 7 -3.28 6.08 -29.16
N GLN B 8 -2.36 5.21 -29.53
CA GLN B 8 -2.03 4.12 -28.63
C GLN B 8 -1.31 4.62 -27.41
N ALA B 9 -0.44 5.61 -27.51
CA ALA B 9 0.25 6.21 -26.37
C ALA B 9 -0.77 6.82 -25.39
N SER B 10 -1.78 7.47 -25.94
CA SER B 10 -2.83 8.08 -25.13
C SER B 10 -3.65 7.06 -24.38
N SER B 11 -4.02 5.98 -25.05
CA SER B 11 -4.73 4.89 -24.40
C SER B 11 -3.85 4.28 -23.30
N ASP B 12 -2.56 4.06 -23.56
CA ASP B 12 -1.63 3.52 -22.57
C ASP B 12 -1.56 4.46 -21.37
N ALA B 13 -1.51 5.75 -21.59
CA ALA B 13 -1.42 6.70 -20.46
C ALA B 13 -2.72 6.68 -19.68
N GLN B 14 -3.89 6.52 -20.36
CA GLN B 14 -5.14 6.53 -19.62
C GLN B 14 -5.25 5.28 -18.75
N THR B 15 -4.78 4.16 -19.30
CA THR B 15 -4.80 2.89 -18.57
C THR B 15 -3.88 2.96 -17.37
N ALA B 16 -2.68 3.52 -17.57
CA ALA B 16 -1.70 3.67 -16.52
C ALA B 16 -2.24 4.55 -15.41
N ASN B 17 -2.93 5.64 -15.75
CA ASN B 17 -3.51 6.51 -14.73
C ASN B 17 -4.60 5.80 -13.96
N ALA B 18 -5.43 4.99 -14.61
CA ALA B 18 -6.46 4.26 -13.88
C ALA B 18 -5.78 3.30 -12.92
N LYS B 19 -4.76 2.60 -13.35
CA LYS B 19 -4.05 1.64 -12.51
C LYS B 19 -3.42 2.34 -11.32
N ALA B 20 -2.79 3.49 -11.56
CA ALA B 20 -2.07 4.24 -10.53
C ALA B 20 -3.05 4.85 -9.53
N ASP B 21 -4.18 5.33 -9.97
CA ASP B 21 -5.25 5.84 -9.11
C ASP B 21 -5.71 4.72 -8.17
N GLN B 22 -5.96 3.56 -8.77
CA GLN B 22 -6.43 2.47 -7.89
C GLN B 22 -5.36 2.06 -6.92
N ALA B 23 -4.13 1.97 -7.33
CA ALA B 23 -3.02 1.63 -6.44
C ALA B 23 -2.89 2.65 -5.32
N SER B 24 -3.10 3.94 -5.63
CA SER B 24 -2.94 4.99 -4.62
C SER B 24 -3.99 4.79 -3.55
N ASN B 25 -5.23 4.49 -3.98
CA ASN B 25 -6.32 4.40 -3.03
C ASN B 25 -6.12 3.14 -2.20
N ASP B 26 -5.68 2.03 -2.81
CA ASP B 26 -5.36 0.81 -2.10
C ASP B 26 -4.27 1.02 -1.07
N ALA B 27 -3.25 1.77 -1.46
CA ALA B 27 -2.10 2.00 -0.59
C ALA B 27 -2.50 2.88 0.58
N ASN B 28 -3.32 3.92 0.35
CA ASN B 28 -3.74 4.76 1.45
C ASN B 28 -4.60 3.95 2.40
N ALA B 29 -5.46 3.07 1.91
CA ALA B 29 -6.30 2.26 2.76
C ALA B 29 -5.45 1.34 3.65
N ALA B 30 -4.43 0.75 3.01
CA ALA B 30 -3.52 -0.16 3.67
C ALA B 30 -2.75 0.58 4.76
N ARG B 31 -2.36 1.84 4.50
CA ARG B 31 -1.67 2.61 5.50
C ARG B 31 -2.57 2.78 6.72
N SER B 32 -3.85 3.08 6.48
CA SER B 32 -4.78 3.33 7.58
C SER B 32 -4.92 2.06 8.41
N ASP B 33 -5.07 0.93 7.72
CA ASP B 33 -5.20 -0.36 8.42
C ASP B 33 -3.96 -0.72 9.21
N ALA B 34 -2.81 -0.44 8.62
CA ALA B 34 -1.53 -0.79 9.27
C ALA B 34 -1.40 0.04 10.51
N GLN B 35 -1.69 1.33 10.49
CA GLN B 35 -1.61 2.16 11.69
C GLN B 35 -2.63 1.72 12.71
N ALA B 36 -3.82 1.34 12.29
CA ALA B 36 -4.81 0.88 13.25
C ALA B 36 -4.32 -0.38 13.95
N ALA B 37 -3.71 -1.33 13.22
CA ALA B 37 -3.16 -2.55 13.77
C ALA B 37 -1.99 -2.24 14.71
N LYS B 38 -1.12 -1.28 14.35
CA LYS B 38 -0.04 -0.86 15.23
C LYS B 38 -0.61 -0.33 16.54
N ASP B 39 -1.66 0.49 16.44
CA ASP B 39 -2.26 1.06 17.65
C ASP B 39 -2.90 -0.04 18.50
N ASP B 40 -3.53 -1.01 17.85
CA ASP B 40 -4.15 -2.13 18.62
C ASP B 40 -3.09 -2.93 19.37
N ALA B 41 -1.98 -3.18 18.71
CA ALA B 41 -0.88 -3.92 19.33
C ALA B 41 -0.29 -3.13 20.49
N ALA B 42 -0.08 -1.83 20.26
CA ALA B 42 0.44 -1.00 21.34
C ALA B 42 -0.48 -1.00 22.55
N ARG B 43 -1.79 -0.98 22.26
CA ARG B 43 -2.78 -0.88 23.35
C ARG B 43 -2.75 -2.19 24.10
N ALA B 44 -2.62 -3.31 23.42
CA ALA B 44 -2.51 -4.59 24.14
C ALA B 44 -1.32 -4.60 25.07
N ASN B 45 -0.17 -4.10 24.59
CA ASN B 45 1.02 -4.03 25.46
C ASN B 45 0.86 -3.00 26.56
N GLN B 46 0.12 -1.91 26.30
CA GLN B 46 -0.15 -0.90 27.33
C GLN B 46 -0.96 -1.47 28.47
N ARG B 47 -1.95 -2.27 28.16
CA ARG B 47 -2.80 -2.86 29.19
C ARG B 47 -1.95 -3.80 30.01
N ALA B 48 -1.06 -4.54 29.39
CA ALA B 48 -0.15 -5.44 30.14
C ALA B 48 0.77 -4.61 31.01
N ASP B 49 1.35 -3.52 30.50
CA ASP B 49 2.18 -2.66 31.33
C ASP B 49 1.42 -2.15 32.56
N ASN B 50 0.22 -1.67 32.32
CA ASN B 50 -0.56 -1.07 33.40
C ASN B 50 -0.97 -2.10 34.45
N ALA B 51 -1.04 -3.37 34.10
CA ALA B 51 -1.48 -4.44 34.97
C ALA B 51 -0.28 -5.02 35.67
N ALA B 52 0.93 -4.57 35.31
CA ALA B 52 2.10 -5.12 36.00
C ALA B 52 2.02 -4.93 37.50
N ASN C 3 7.95 10.05 -34.68
CA ASN C 3 7.10 9.52 -33.61
C ASN C 3 7.76 9.40 -32.24
N ALA C 4 8.87 10.11 -32.08
CA ALA C 4 9.67 10.03 -30.87
C ALA C 4 8.83 10.32 -29.64
N LYS C 5 7.99 11.34 -29.69
CA LYS C 5 7.20 11.77 -28.54
C LYS C 5 6.21 10.70 -28.16
N ALA C 6 5.44 10.15 -29.09
CA ALA C 6 4.47 9.14 -28.78
C ALA C 6 5.19 7.95 -28.17
N ASP C 7 6.34 7.59 -28.74
CA ASP C 7 7.07 6.41 -28.28
C ASP C 7 7.51 6.64 -26.82
N GLN C 8 7.98 7.84 -26.48
CA GLN C 8 8.39 8.22 -25.13
C GLN C 8 7.23 8.18 -24.17
N ALA C 9 6.09 8.70 -24.60
CA ALA C 9 4.88 8.69 -23.78
C ALA C 9 4.45 7.24 -23.50
N SER C 10 4.51 6.38 -24.53
CA SER C 10 4.13 5.00 -24.35
C SER C 10 5.03 4.28 -23.36
N SER C 11 6.33 4.51 -23.46
CA SER C 11 7.30 3.91 -22.55
C SER C 11 7.09 4.44 -21.14
N ASP C 12 6.89 5.76 -20.97
CA ASP C 12 6.63 6.33 -19.66
C ASP C 12 5.33 5.76 -19.07
N ALA C 13 4.29 5.56 -19.84
CA ALA C 13 3.02 5.01 -19.37
C ALA C 13 3.22 3.58 -18.93
N GLN C 14 4.04 2.80 -19.67
CA GLN C 14 4.31 1.41 -19.30
C GLN C 14 5.01 1.34 -17.95
N THR C 15 5.96 2.24 -17.71
CA THR C 15 6.67 2.31 -16.44
C THR C 15 5.71 2.56 -15.29
N ALA C 16 4.81 3.53 -15.51
CA ALA C 16 3.82 3.87 -14.47
C ALA C 16 2.88 2.72 -14.20
N ASN C 17 2.45 2.10 -15.26
CA ASN C 17 1.55 0.96 -15.12
C ASN C 17 2.18 -0.14 -14.28
N ALA C 18 3.43 -0.50 -14.59
CA ALA C 18 4.18 -1.54 -13.84
C ALA C 18 4.40 -1.14 -12.39
N LYS C 19 4.76 0.12 -12.16
CA LYS C 19 4.95 0.55 -10.76
C LYS C 19 3.63 0.51 -9.99
N ALA C 20 2.51 0.86 -10.63
CA ALA C 20 1.22 0.81 -10.00
C ALA C 20 0.83 -0.61 -9.65
N ASP C 21 1.14 -1.55 -10.53
CA ASP C 21 0.81 -2.96 -10.26
C ASP C 21 1.60 -3.45 -9.04
N GLN C 22 2.86 -3.06 -8.97
CA GLN C 22 3.65 -3.52 -7.82
C GLN C 22 3.14 -2.86 -6.55
N ALA C 23 2.77 -1.57 -6.62
CA ALA C 23 2.27 -0.87 -5.44
C ALA C 23 0.96 -1.50 -4.95
N SER C 24 0.10 -1.91 -5.88
CA SER C 24 -1.15 -2.60 -5.47
C SER C 24 -0.85 -3.93 -4.81
N ASN C 25 0.09 -4.69 -5.34
CA ASN C 25 0.50 -5.93 -4.70
C ASN C 25 1.07 -5.68 -3.31
N ASP C 26 1.91 -4.65 -3.17
CA ASP C 26 2.48 -4.33 -1.85
C ASP C 26 1.41 -3.87 -0.89
N ALA C 27 0.43 -3.12 -1.34
CA ALA C 27 -0.68 -2.67 -0.52
C ALA C 27 -1.48 -3.85 0.00
N ASN C 28 -1.71 -4.83 -0.87
CA ASN C 28 -2.43 -6.02 -0.40
C ASN C 28 -1.62 -6.78 0.62
N ALA C 29 -0.31 -6.89 0.38
CA ALA C 29 0.56 -7.57 1.34
C ALA C 29 0.48 -6.88 2.70
N ALA C 30 0.48 -5.55 2.72
CA ALA C 30 0.39 -4.81 3.99
C ALA C 30 -0.99 -5.01 4.61
N ARG C 31 -2.06 -5.01 3.81
CA ARG C 31 -3.41 -5.21 4.33
C ARG C 31 -3.52 -6.54 5.01
N SER C 32 -2.92 -7.57 4.41
CA SER C 32 -2.91 -8.93 4.96
C SER C 32 -2.19 -8.98 6.29
N ASP C 33 -1.00 -8.35 6.29
CA ASP C 33 -0.22 -8.33 7.54
C ASP C 33 -0.94 -7.55 8.64
N ALA C 34 -1.62 -6.47 8.25
CA ALA C 34 -2.30 -5.65 9.26
C ALA C 34 -3.44 -6.47 9.86
N GLN C 35 -4.16 -7.25 9.03
CA GLN C 35 -5.26 -8.05 9.53
C GLN C 35 -4.73 -9.08 10.50
N ALA C 36 -3.58 -9.66 10.17
CA ALA C 36 -2.98 -10.66 11.08
C ALA C 36 -2.59 -10.04 12.40
N ALA C 37 -2.01 -8.84 12.35
CA ALA C 37 -1.62 -8.16 13.57
C ALA C 37 -2.87 -7.80 14.37
N LYS C 38 -3.91 -7.32 13.73
CA LYS C 38 -5.14 -6.90 14.40
C LYS C 38 -5.71 -8.08 15.20
N ASP C 39 -5.77 -9.24 14.51
CA ASP C 39 -6.32 -10.46 15.11
C ASP C 39 -5.47 -10.94 16.29
N ASP C 40 -4.15 -10.84 16.13
CA ASP C 40 -3.23 -11.28 17.18
C ASP C 40 -3.30 -10.34 18.38
N ALA C 41 -3.51 -9.04 18.16
CA ALA C 41 -3.67 -8.10 19.29
C ALA C 41 -4.93 -8.49 20.05
N ALA C 42 -5.97 -8.89 19.32
CA ALA C 42 -7.22 -9.27 20.04
C ALA C 42 -6.99 -10.55 20.79
N ARG C 43 -6.19 -11.51 20.27
CA ARG C 43 -5.85 -12.70 21.07
C ARG C 43 -5.19 -12.36 22.39
N ALA C 44 -4.28 -11.40 22.28
CA ALA C 44 -3.47 -11.03 23.45
C ALA C 44 -4.37 -10.50 24.55
N ASN C 45 -5.26 -9.59 24.17
CA ASN C 45 -6.15 -8.99 25.15
C ASN C 45 -7.04 -10.07 25.77
N GLN C 46 -7.48 -11.01 24.93
CA GLN C 46 -8.40 -12.06 25.41
C GLN C 46 -7.74 -12.90 26.50
N ARG C 47 -6.53 -13.32 26.19
CA ARG C 47 -5.73 -14.15 27.07
C ARG C 47 -5.48 -13.41 28.39
N ALA C 48 -5.20 -12.12 28.28
CA ALA C 48 -4.93 -11.33 29.49
C ALA C 48 -6.17 -11.23 30.36
N ASP C 49 -7.32 -11.02 29.73
CA ASP C 49 -8.55 -10.90 30.52
C ASP C 49 -8.93 -12.26 31.10
N ASN C 50 -8.70 -13.36 30.35
CA ASN C 50 -8.99 -14.67 30.96
C ASN C 50 -8.08 -14.97 32.13
N ALA C 51 -6.87 -14.42 32.18
CA ALA C 51 -5.95 -14.76 33.28
C ALA C 51 -6.07 -13.84 34.48
N ALA C 52 -6.70 -12.69 34.30
CA ALA C 52 -6.82 -11.65 35.31
C ALA C 52 -7.83 -11.98 36.40
#